data_3O4T
#
_entry.id   3O4T
#
_cell.length_a   118.015
_cell.length_b   38.995
_cell.length_c   83.713
_cell.angle_alpha   90.00
_cell.angle_beta   124.18
_cell.angle_gamma   90.00
#
_symmetry.space_group_name_H-M   'C 1 2 1'
#
loop_
_entity.id
_entity.type
_entity.pdbx_description
1 polymer 'Tyrosine-protein phosphatase non-receptor type 7'
2 non-polymer 'SULFATE ION'
3 non-polymer 'D(-)-TARTARIC ACID'
4 non-polymer GLYCEROL
5 water water
#
_entity_poly.entity_id   1
_entity_poly.type   'polypeptide(L)'
_entity_poly.pdbx_seq_one_letter_code
;MGSDKIHHHHHHNTPREVTLHFLRTAGHPLTRWALQRQPPDPKQLEEEFLKIPSNFVSPEDLDIPGHASKDRYKTILPNP
QSRVCLGRAQSQEDGDYINANYIRGYDGKEKVYIATQGPMPNTVSDFWEMVWQEEVSLIVMLTQLREGKEKCVHYWPTEE
ETYGPFQIRIQDMKECPEYTVRQLTIQYQEERRSVKHILFSAWPDHQTPESAGPLLRLVAEVEESPETAAHPGPIVVHCS
AGIGRTGCFIATRIGCQQLKARGEVDILGIVCQLRLDRGGMIQTAEQYQFLHHTLALYAGQLPEEPSP
;
_entity_poly.pdbx_strand_id   A
#
loop_
_chem_comp.id
_chem_comp.type
_chem_comp.name
_chem_comp.formula
GOL non-polymer GLYCEROL 'C3 H8 O3'
SO4 non-polymer 'SULFATE ION' 'O4 S -2'
TAR non-polymer 'D(-)-TARTARIC ACID' 'C4 H6 O6'
#
# COMPACT_ATOMS: atom_id res chain seq x y z
N ASN A 13 -19.13 19.91 17.41
CA ASN A 13 -17.72 19.71 16.96
C ASN A 13 -17.56 19.79 15.43
N THR A 14 -16.40 20.25 14.98
CA THR A 14 -16.14 20.52 13.55
C THR A 14 -16.28 19.27 12.68
N PRO A 15 -16.63 19.45 11.39
CA PRO A 15 -16.73 18.32 10.47
C PRO A 15 -15.43 17.53 10.32
N ARG A 16 -14.30 18.13 10.70
CA ARG A 16 -13.02 17.45 10.62
C ARG A 16 -12.89 16.50 11.81
N GLU A 17 -13.46 16.89 12.94
CA GLU A 17 -13.41 16.05 14.13
C GLU A 17 -14.51 15.00 14.07
N VAL A 18 -15.54 15.25 13.26
CA VAL A 18 -16.57 14.25 12.96
C VAL A 18 -15.96 13.13 12.11
N THR A 19 -15.09 13.51 11.18
CA THR A 19 -14.39 12.56 10.33
C THR A 19 -13.48 11.66 11.14
N LEU A 20 -12.71 12.26 12.04
CA LEU A 20 -11.78 11.53 12.89
C LEU A 20 -12.51 10.61 13.87
N HIS A 21 -13.66 11.06 14.38
CA HIS A 21 -14.42 10.25 15.31
C HIS A 21 -14.99 9.00 14.66
N PHE A 22 -15.49 9.11 13.42
CA PHE A 22 -16.03 7.98 12.67
C PHE A 22 -14.96 6.94 12.34
N LEU A 23 -13.78 7.39 11.93
CA LEU A 23 -12.72 6.49 11.51
C LEU A 23 -12.03 5.77 12.69
N ARG A 24 -12.38 6.16 13.91
CA ARG A 24 -11.76 5.57 15.09
C ARG A 24 -12.69 4.64 15.88
N THR A 25 -14.00 4.76 15.63
CA THR A 25 -15.04 4.09 16.43
C THR A 25 -15.92 3.12 15.61
N ALA A 26 -16.01 3.35 14.30
CA ALA A 26 -16.74 2.47 13.39
C ALA A 26 -16.05 1.12 13.31
N GLY A 27 -16.84 0.05 13.33
CA GLY A 27 -16.30 -1.29 13.22
C GLY A 27 -17.41 -2.31 13.05
N HIS A 28 -17.23 -3.24 12.11
CA HIS A 28 -18.18 -4.31 11.89
C HIS A 28 -17.51 -5.68 11.91
N PRO A 29 -17.08 -6.15 13.11
CA PRO A 29 -16.41 -7.46 13.17
C PRO A 29 -17.31 -8.61 12.68
N LEU A 30 -16.76 -9.46 11.81
CA LEU A 30 -17.47 -10.60 11.23
C LEU A 30 -16.71 -11.88 11.52
N THR A 31 -17.43 -12.89 12.01
CA THR A 31 -16.79 -14.18 12.33
C THR A 31 -16.49 -14.90 11.04
N ARG A 32 -15.54 -15.83 11.11
CA ARG A 32 -15.17 -16.63 9.95
C ARG A 32 -16.39 -17.31 9.32
N TRP A 33 -17.32 -17.76 10.16
CA TRP A 33 -18.55 -18.39 9.67
C TRP A 33 -19.50 -17.39 9.00
N ALA A 34 -19.69 -16.23 9.62
CA ALA A 34 -20.57 -15.20 9.05
C ALA A 34 -20.08 -14.63 7.72
N LEU A 35 -18.76 -14.56 7.56
CA LEU A 35 -18.15 -14.03 6.34
C LEU A 35 -18.35 -15.02 5.18
N GLN A 36 -18.30 -16.31 5.50
CA GLN A 36 -18.40 -17.38 4.52
C GLN A 36 -19.85 -17.79 4.20
N ARG A 37 -20.67 -17.93 5.23
CA ARG A 37 -21.97 -18.56 5.11
C ARG A 37 -23.13 -17.57 5.03
N GLN A 38 -23.14 -16.59 5.93
CA GLN A 38 -24.12 -15.51 5.85
C GLN A 38 -23.50 -14.11 5.85
N PRO A 39 -22.98 -13.66 4.71
CA PRO A 39 -22.38 -12.32 4.65
C PRO A 39 -23.42 -11.22 4.41
N PRO A 40 -23.11 -9.97 4.84
CA PRO A 40 -23.98 -8.86 4.49
C PRO A 40 -24.21 -8.79 2.98
N ASP A 41 -25.46 -8.53 2.58
CA ASP A 41 -25.80 -8.41 1.17
C ASP A 41 -25.16 -7.16 0.58
N PRO A 42 -24.85 -7.17 -0.73
CA PRO A 42 -24.23 -6.05 -1.45
C PRO A 42 -24.86 -4.68 -1.19
N LYS A 43 -26.18 -4.64 -0.98
CA LYS A 43 -26.88 -3.38 -0.69
C LYS A 43 -26.44 -2.78 0.65
N GLN A 44 -26.17 -3.65 1.62
CA GLN A 44 -25.78 -3.23 2.97
C GLN A 44 -24.32 -2.83 2.99
N LEU A 45 -23.51 -3.55 2.22
CA LEU A 45 -22.09 -3.29 2.09
C LEU A 45 -21.83 -1.97 1.37
N GLU A 46 -22.69 -1.67 0.39
CA GLU A 46 -22.59 -0.41 -0.33
C GLU A 46 -22.96 0.79 0.56
N GLU A 47 -24.02 0.66 1.35
CA GLU A 47 -24.42 1.72 2.30
C GLU A 47 -23.36 1.94 3.40
N GLU A 48 -22.73 0.85 3.82
CA GLU A 48 -21.68 0.90 4.83
C GLU A 48 -20.44 1.61 4.34
N PHE A 49 -20.07 1.34 3.08
CA PHE A 49 -18.91 1.96 2.45
C PHE A 49 -19.11 3.47 2.24
N LEU A 50 -20.32 3.84 1.85
CA LEU A 50 -20.67 5.22 1.59
C LEU A 50 -20.70 6.08 2.86
N LYS A 51 -20.81 5.43 4.02
CA LYS A 51 -20.84 6.14 5.29
C LYS A 51 -19.44 6.57 5.70
N ILE A 52 -18.42 5.87 5.18
CA ILE A 52 -17.03 6.09 5.54
C ILE A 52 -16.52 7.35 4.85
N PRO A 53 -16.02 8.33 5.63
CA PRO A 53 -15.50 9.55 5.01
C PRO A 53 -14.16 9.29 4.29
N SER A 54 -13.97 9.97 3.15
CA SER A 54 -12.76 9.81 2.33
C SER A 54 -11.46 10.25 3.04
N ASN A 55 -11.59 11.22 3.94
CA ASN A 55 -10.47 11.81 4.69
C ASN A 55 -9.37 12.42 3.81
N PHE A 56 -9.77 13.00 2.68
CA PHE A 56 -8.84 13.71 1.79
C PHE A 56 -8.37 15.03 2.40
N VAL A 57 -7.06 15.26 2.37
CA VAL A 57 -6.52 16.58 2.73
C VAL A 57 -6.55 17.54 1.52
N SER A 58 -6.97 18.78 1.77
CA SER A 58 -7.02 19.80 0.73
C SER A 58 -5.65 20.48 0.55
N PRO A 59 -5.35 20.98 -0.68
CA PRO A 59 -4.10 21.73 -0.87
C PRO A 59 -3.84 22.83 0.16
N GLU A 60 -4.89 23.36 0.80
CA GLU A 60 -4.74 24.41 1.83
C GLU A 60 -4.19 23.88 3.15
N ASP A 61 -4.37 22.58 3.41
CA ASP A 61 -3.93 21.93 4.63
C ASP A 61 -2.43 21.66 4.64
N LEU A 62 -1.85 21.47 3.44
CA LEU A 62 -0.40 21.28 3.32
C LEU A 62 0.34 22.62 3.15
N ASP A 63 1.34 22.85 4.00
CA ASP A 63 2.26 23.97 3.83
C ASP A 63 3.64 23.44 3.47
N ILE A 64 3.73 22.89 2.28
CA ILE A 64 4.99 22.34 1.77
C ILE A 64 5.25 22.92 0.39
N PRO A 65 5.96 24.07 0.34
CA PRO A 65 6.23 24.76 -0.92
C PRO A 65 6.90 23.86 -1.95
N GLY A 66 6.45 23.99 -3.20
CA GLY A 66 6.98 23.22 -4.33
C GLY A 66 6.71 21.73 -4.28
N HIS A 67 5.48 21.34 -3.91
CA HIS A 67 5.13 19.92 -3.84
C HIS A 67 4.27 19.49 -5.04
N ALA A 68 3.64 20.46 -5.70
CA ALA A 68 2.66 20.18 -6.75
C ALA A 68 3.29 19.54 -7.98
N SER A 69 4.54 19.90 -8.29
CA SER A 69 5.26 19.24 -9.38
C SER A 69 5.62 17.79 -9.05
N LYS A 70 5.57 17.45 -7.76
CA LYS A 70 5.89 16.09 -7.32
C LYS A 70 4.65 15.15 -7.31
N ASP A 71 3.46 15.73 -7.36
CA ASP A 71 2.22 14.97 -7.29
C ASP A 71 1.67 14.64 -8.68
N ARG A 72 1.25 13.40 -8.86
CA ARG A 72 0.57 12.96 -10.09
C ARG A 72 -0.86 13.52 -10.19
N TYR A 73 -1.57 13.58 -9.06
CA TYR A 73 -2.92 14.14 -9.01
C TYR A 73 -2.95 15.24 -7.96
N LYS A 74 -3.53 16.38 -8.32
CA LYS A 74 -3.55 17.56 -7.46
C LYS A 74 -4.52 17.41 -6.29
N THR A 75 -5.50 16.53 -6.48
CA THR A 75 -6.58 16.29 -5.51
C THR A 75 -6.18 15.19 -4.53
N ILE A 76 -5.42 14.21 -5.01
CA ILE A 76 -4.95 13.12 -4.15
C ILE A 76 -3.61 13.49 -3.50
N LEU A 77 -3.64 13.75 -2.20
CA LEU A 77 -2.49 14.28 -1.46
C LEU A 77 -2.19 13.48 -0.18
N PRO A 78 -0.90 13.37 0.22
CA PRO A 78 -0.57 12.62 1.42
C PRO A 78 -0.90 13.37 2.70
N ASN A 79 -1.51 12.67 3.65
CA ASN A 79 -1.82 13.23 4.96
C ASN A 79 -0.55 13.64 5.71
N PRO A 80 -0.50 14.89 6.22
CA PRO A 80 0.73 15.37 6.82
C PRO A 80 1.06 14.71 8.17
N GLN A 81 0.05 14.14 8.82
CA GLN A 81 0.27 13.49 10.11
C GLN A 81 1.18 12.26 10.01
N SER A 82 1.21 11.62 8.83
CA SER A 82 1.93 10.36 8.60
C SER A 82 2.66 10.24 7.24
N ARG A 83 2.95 11.39 6.62
CA ARG A 83 3.71 11.40 5.36
C ARG A 83 5.18 11.02 5.59
N VAL A 84 5.83 10.62 4.51
CA VAL A 84 7.21 10.17 4.55
C VAL A 84 8.09 11.37 4.23
N CYS A 85 8.96 11.71 5.17
CA CYS A 85 9.91 12.81 5.00
C CYS A 85 11.26 12.28 4.51
N LEU A 86 11.66 12.75 3.32
CA LEU A 86 12.93 12.36 2.71
C LEU A 86 14.13 13.01 3.43
N GLY A 87 15.28 12.35 3.35
CA GLY A 87 16.52 12.84 3.96
C GLY A 87 17.29 13.73 3.00
N ARG A 88 18.62 13.68 3.05
CA ARG A 88 19.44 14.62 2.31
C ARG A 88 20.41 14.01 1.30
N ALA A 89 20.13 12.77 0.88
CA ALA A 89 21.01 12.06 -0.05
C ALA A 89 21.18 12.76 -1.40
N GLN A 90 20.15 13.51 -1.81
CA GLN A 90 20.15 14.25 -3.08
C GLN A 90 20.69 15.68 -2.95
N SER A 91 21.54 16.05 -3.89
CA SER A 91 22.21 17.36 -3.88
C SER A 91 21.53 18.33 -4.85
N GLN A 92 21.30 17.90 -6.09
CA GLN A 92 20.69 18.77 -7.11
C GLN A 92 19.17 18.90 -6.89
N GLU A 93 18.78 18.86 -5.61
CA GLU A 93 17.38 18.68 -5.22
C GLU A 93 17.16 18.88 -3.72
N ASP A 94 16.49 19.98 -3.39
CA ASP A 94 16.09 20.27 -2.01
C ASP A 94 14.64 19.88 -1.79
N GLY A 95 14.26 19.69 -0.51
CA GLY A 95 12.91 19.31 -0.17
C GLY A 95 12.87 17.89 0.36
N ASP A 96 12.03 17.66 1.35
CA ASP A 96 11.84 16.35 1.95
C ASP A 96 10.54 15.70 1.50
N TYR A 97 9.95 16.25 0.44
CA TYR A 97 8.60 15.86 0.02
C TYR A 97 8.52 14.68 -0.95
N ILE A 98 7.73 13.69 -0.56
CA ILE A 98 7.31 12.60 -1.43
C ILE A 98 5.83 12.27 -1.17
N ASN A 99 5.07 11.98 -2.23
CA ASN A 99 3.65 11.63 -2.10
C ASN A 99 3.51 10.19 -1.62
N ALA A 100 3.63 10.01 -0.31
CA ALA A 100 3.65 8.69 0.30
C ALA A 100 3.31 8.83 1.76
N ASN A 101 2.60 7.83 2.30
CA ASN A 101 2.31 7.76 3.71
C ASN A 101 2.68 6.41 4.35
N TYR A 102 3.02 6.46 5.64
CA TYR A 102 3.22 5.26 6.46
C TYR A 102 1.86 4.67 6.84
N ILE A 103 1.72 3.37 6.62
CA ILE A 103 0.46 2.69 6.86
C ILE A 103 0.59 1.70 8.04
N ARG A 104 -0.31 1.77 9.00
CA ARG A 104 -0.30 0.81 10.09
C ARG A 104 -0.80 -0.48 9.51
N GLY A 105 -0.29 -1.58 10.06
CA GLY A 105 -0.67 -2.94 9.67
C GLY A 105 -1.56 -3.56 10.71
N TYR A 106 -1.40 -4.88 10.88
CA TYR A 106 -2.16 -5.69 11.82
C TYR A 106 -1.95 -5.19 13.26
N ASP A 107 -3.08 -4.99 13.96
CA ASP A 107 -3.11 -4.45 15.33
C ASP A 107 -2.57 -3.02 15.44
N GLY A 108 -2.65 -2.26 14.34
CA GLY A 108 -2.15 -0.89 14.32
C GLY A 108 -0.65 -0.78 14.57
N LYS A 109 0.09 -1.82 14.19
CA LYS A 109 1.55 -1.82 14.26
C LYS A 109 2.10 -0.76 13.32
N GLU A 110 3.04 0.04 13.82
CA GLU A 110 3.52 1.24 13.12
C GLU A 110 4.47 0.91 11.97
N LYS A 111 4.27 1.61 10.85
CA LYS A 111 5.13 1.53 9.63
C LYS A 111 5.31 0.08 9.16
N VAL A 112 4.25 -0.50 8.60
CA VAL A 112 4.32 -1.84 8.04
C VAL A 112 4.25 -1.74 6.53
N TYR A 113 3.52 -0.74 6.04
CA TYR A 113 3.41 -0.44 4.61
C TYR A 113 3.68 1.02 4.32
N ILE A 114 4.07 1.30 3.07
CA ILE A 114 4.09 2.66 2.55
C ILE A 114 3.20 2.68 1.28
N ALA A 115 2.09 3.40 1.37
CA ALA A 115 1.24 3.60 0.21
C ALA A 115 1.75 4.84 -0.55
N THR A 116 2.15 4.63 -1.80
CA THR A 116 2.65 5.75 -2.62
C THR A 116 2.06 5.73 -4.02
N GLN A 117 2.02 6.90 -4.67
CA GLN A 117 1.64 7.00 -6.07
C GLN A 117 2.69 6.35 -6.99
N GLY A 118 2.32 6.12 -8.25
CA GLY A 118 3.28 5.63 -9.23
C GLY A 118 4.31 6.71 -9.50
N PRO A 119 5.62 6.36 -9.43
CA PRO A 119 6.73 7.32 -9.66
C PRO A 119 6.68 8.02 -11.01
N MET A 120 6.67 9.35 -11.01
CA MET A 120 6.86 10.11 -12.25
C MET A 120 8.34 10.26 -12.54
N PRO A 121 8.72 10.54 -13.81
CA PRO A 121 10.14 10.66 -14.16
C PRO A 121 10.93 11.59 -13.23
N ASN A 122 10.30 12.66 -12.76
CA ASN A 122 10.96 13.59 -11.84
C ASN A 122 11.00 13.13 -10.39
N THR A 123 10.26 12.08 -10.06
CA THR A 123 10.18 11.56 -8.67
C THR A 123 10.79 10.19 -8.50
N VAL A 124 11.40 9.67 -9.56
CA VAL A 124 12.10 8.38 -9.53
C VAL A 124 13.23 8.35 -8.49
N SER A 125 14.06 9.39 -8.44
CA SER A 125 15.16 9.48 -7.46
C SER A 125 14.61 9.59 -6.03
N ASP A 126 13.50 10.30 -5.88
CA ASP A 126 12.85 10.46 -4.59
C ASP A 126 12.36 9.11 -4.08
N PHE A 127 11.91 8.28 -5.02
CA PHE A 127 11.35 6.96 -4.70
C PHE A 127 12.43 6.00 -4.20
N TRP A 128 13.55 5.97 -4.94
CA TRP A 128 14.71 5.18 -4.54
C TRP A 128 15.37 5.68 -3.26
N GLU A 129 15.28 6.99 -3.02
CA GLU A 129 15.72 7.57 -1.74
C GLU A 129 14.91 7.05 -0.55
N MET A 130 13.59 6.97 -0.74
CA MET A 130 12.68 6.45 0.27
C MET A 130 12.97 4.99 0.59
N VAL A 131 13.18 4.19 -0.46
CA VAL A 131 13.49 2.77 -0.30
C VAL A 131 14.77 2.57 0.53
N TRP A 132 15.74 3.46 0.34
CA TRP A 132 17.02 3.37 1.03
C TRP A 132 16.94 3.84 2.49
N GLN A 133 16.31 5.00 2.72
CA GLN A 133 16.24 5.51 4.08
C GLN A 133 15.34 4.68 4.99
N GLU A 134 14.30 4.07 4.42
CA GLU A 134 13.32 3.30 5.20
C GLU A 134 13.71 1.83 5.30
N GLU A 135 14.80 1.47 4.62
CA GLU A 135 15.33 0.09 4.61
C GLU A 135 14.31 -0.89 4.05
N VAL A 136 13.75 -0.52 2.91
CA VAL A 136 12.69 -1.31 2.30
C VAL A 136 13.28 -2.54 1.59
N SER A 137 12.75 -3.73 1.90
CA SER A 137 13.20 -4.93 1.20
C SER A 137 12.25 -5.44 0.13
N LEU A 138 11.03 -4.92 0.11
CA LEU A 138 9.99 -5.44 -0.77
C LEU A 138 9.12 -4.35 -1.35
N ILE A 139 8.95 -4.39 -2.67
CA ILE A 139 8.09 -3.44 -3.35
C ILE A 139 7.04 -4.21 -4.14
N VAL A 140 5.77 -3.85 -3.93
CA VAL A 140 4.65 -4.47 -4.63
C VAL A 140 4.03 -3.44 -5.55
N MET A 141 3.98 -3.76 -6.83
CA MET A 141 3.44 -2.86 -7.85
C MET A 141 2.16 -3.44 -8.43
N LEU A 142 1.10 -2.64 -8.44
CA LEU A 142 -0.21 -3.10 -8.93
C LEU A 142 -0.60 -2.38 -10.21
N THR A 143 -0.74 -3.14 -11.30
CA THR A 143 -1.07 -2.55 -12.61
C THR A 143 -1.91 -3.47 -13.52
N GLN A 144 -2.36 -2.94 -14.67
CA GLN A 144 -3.13 -3.71 -15.67
C GLN A 144 -2.26 -4.34 -16.75
N CYS A 152 2.33 5.38 -15.65
CA CYS A 152 3.50 5.21 -14.80
C CYS A 152 4.73 4.91 -15.64
N VAL A 153 5.80 5.67 -15.41
CA VAL A 153 7.08 5.43 -16.07
C VAL A 153 7.79 4.23 -15.42
N HIS A 154 8.55 3.47 -16.20
CA HIS A 154 9.40 2.40 -15.68
C HIS A 154 10.55 3.00 -14.88
N TYR A 155 10.47 2.85 -13.56
CA TYR A 155 11.43 3.45 -12.65
C TYR A 155 12.56 2.47 -12.29
N TRP A 156 12.42 1.22 -12.76
CA TRP A 156 13.44 0.19 -12.59
C TRP A 156 14.15 -0.04 -13.95
N PRO A 157 15.43 -0.43 -13.93
CA PRO A 157 16.18 -0.60 -15.18
C PRO A 157 15.94 -1.94 -15.86
N THR A 158 16.21 -2.02 -17.16
CA THR A 158 16.12 -3.27 -17.91
C THR A 158 17.36 -4.11 -17.62
N GLU A 159 18.48 -3.44 -17.43
CA GLU A 159 19.73 -4.10 -17.04
C GLU A 159 20.44 -3.33 -15.92
N GLU A 160 20.70 -2.04 -16.14
CA GLU A 160 21.50 -1.24 -15.21
C GLU A 160 21.33 0.25 -15.51
N GLU A 161 20.80 0.99 -14.53
CA GLU A 161 20.60 2.44 -14.63
C GLU A 161 21.01 3.17 -13.36
N THR A 162 21.46 4.41 -13.51
CA THR A 162 21.77 5.26 -12.36
C THR A 162 20.70 6.32 -12.20
N TYR A 163 20.10 6.37 -11.00
CA TYR A 163 19.06 7.34 -10.69
C TYR A 163 19.52 8.23 -9.56
N GLY A 164 20.09 9.38 -9.91
CA GLY A 164 20.66 10.29 -8.93
C GLY A 164 21.91 9.69 -8.32
N PRO A 165 21.98 9.67 -6.97
CA PRO A 165 23.10 9.05 -6.28
C PRO A 165 22.97 7.53 -6.15
N PHE A 166 21.94 6.95 -6.77
CA PHE A 166 21.63 5.53 -6.60
C PHE A 166 21.84 4.75 -7.87
N GLN A 167 22.52 3.60 -7.73
CA GLN A 167 22.71 2.68 -8.84
C GLN A 167 21.87 1.42 -8.62
N ILE A 168 20.97 1.15 -9.57
CA ILE A 168 20.15 -0.07 -9.53
C ILE A 168 20.58 -1.05 -10.64
N ARG A 169 20.66 -2.34 -10.28
CA ARG A 169 21.03 -3.37 -11.23
C ARG A 169 20.10 -4.58 -11.07
N ILE A 170 19.67 -5.14 -12.20
CA ILE A 170 18.88 -6.38 -12.21
C ILE A 170 19.80 -7.56 -11.97
N GLN A 171 19.50 -8.33 -10.93
CA GLN A 171 20.28 -9.52 -10.59
C GLN A 171 19.65 -10.81 -11.12
N ASP A 172 18.32 -10.90 -11.01
CA ASP A 172 17.58 -12.07 -11.47
C ASP A 172 16.12 -11.70 -11.70
N MET A 173 15.47 -12.45 -12.58
CA MET A 173 14.10 -12.16 -12.97
C MET A 173 13.39 -13.45 -13.34
N LYS A 174 12.28 -13.72 -12.66
CA LYS A 174 11.46 -14.88 -12.97
C LYS A 174 10.03 -14.49 -13.35
N GLU A 175 9.47 -15.25 -14.30
CA GLU A 175 8.10 -15.03 -14.77
C GLU A 175 7.14 -16.05 -14.16
N CYS A 176 6.20 -15.56 -13.37
CA CYS A 176 5.13 -16.39 -12.85
C CYS A 176 3.88 -16.09 -13.66
N PRO A 177 2.96 -17.08 -13.75
CA PRO A 177 1.72 -16.91 -14.54
C PRO A 177 0.93 -15.60 -14.24
N GLU A 178 1.18 -14.97 -13.09
CA GLU A 178 0.35 -13.84 -12.63
C GLU A 178 1.10 -12.56 -12.24
N TYR A 179 2.37 -12.72 -11.85
CA TYR A 179 3.19 -11.60 -11.46
C TYR A 179 4.65 -11.83 -11.88
N THR A 180 5.41 -10.74 -12.05
CA THR A 180 6.84 -10.84 -12.36
C THR A 180 7.65 -10.49 -11.12
N VAL A 181 8.62 -11.33 -10.81
CA VAL A 181 9.50 -11.09 -9.68
C VAL A 181 10.87 -10.64 -10.16
N ARG A 182 11.29 -9.47 -9.69
CA ARG A 182 12.63 -8.96 -9.98
C ARG A 182 13.44 -8.84 -8.70
N GLN A 183 14.68 -9.33 -8.76
CA GLN A 183 15.63 -9.15 -7.68
C GLN A 183 16.58 -8.04 -8.04
N LEU A 184 16.42 -6.90 -7.35
CA LEU A 184 17.18 -5.67 -7.62
C LEU A 184 18.24 -5.44 -6.56
N THR A 185 19.36 -4.81 -6.95
CA THR A 185 20.38 -4.37 -5.99
C THR A 185 20.56 -2.87 -6.08
N ILE A 186 20.33 -2.20 -4.96
CA ILE A 186 20.49 -0.75 -4.90
C ILE A 186 21.85 -0.40 -4.29
N GLN A 187 22.63 0.38 -5.04
CA GLN A 187 23.97 0.75 -4.61
C GLN A 187 24.08 2.23 -4.30
N TYR A 188 24.65 2.52 -3.13
CA TYR A 188 24.87 3.89 -2.68
C TYR A 188 26.28 3.99 -2.12
N GLN A 189 27.17 4.59 -2.90
CA GLN A 189 28.60 4.62 -2.61
C GLN A 189 29.17 3.18 -2.43
N GLU A 190 29.59 2.85 -1.22
CA GLU A 190 30.24 1.57 -0.99
C GLU A 190 29.26 0.49 -0.54
N GLU A 191 28.00 0.90 -0.38
CA GLU A 191 26.97 0.03 0.22
C GLU A 191 26.01 -0.56 -0.81
N ARG A 192 25.74 -1.85 -0.68
CA ARG A 192 24.76 -2.54 -1.53
C ARG A 192 23.65 -3.20 -0.68
N ARG A 193 22.41 -3.08 -1.15
CA ARG A 193 21.26 -3.68 -0.50
C ARG A 193 20.42 -4.40 -1.54
N SER A 194 19.77 -5.48 -1.11
CA SER A 194 18.91 -6.21 -1.99
C SER A 194 17.46 -5.80 -1.76
N VAL A 195 16.75 -5.53 -2.86
CA VAL A 195 15.32 -5.22 -2.81
C VAL A 195 14.57 -6.13 -3.77
N LYS A 196 13.50 -6.74 -3.26
CA LYS A 196 12.65 -7.62 -4.06
C LYS A 196 11.49 -6.83 -4.63
N HIS A 197 11.22 -7.02 -5.90
CA HIS A 197 10.16 -6.29 -6.61
C HIS A 197 9.16 -7.27 -7.26
N ILE A 198 7.89 -7.14 -6.90
CA ILE A 198 6.83 -7.95 -7.49
C ILE A 198 5.88 -7.04 -8.28
N LEU A 199 5.63 -7.44 -9.53
CA LEU A 199 4.74 -6.71 -10.41
C LEU A 199 3.53 -7.59 -10.72
N PHE A 200 2.40 -7.23 -10.13
CA PHE A 200 1.12 -7.89 -10.38
C PHE A 200 0.54 -7.36 -11.69
N SER A 201 0.03 -8.25 -12.54
CA SER A 201 -0.39 -7.86 -13.89
C SER A 201 -1.90 -7.68 -14.06
N ALA A 202 -2.68 -8.46 -13.29
CA ALA A 202 -4.13 -8.58 -13.51
C ALA A 202 -4.98 -7.68 -12.59
N TRP A 203 -4.69 -6.39 -12.64
CA TRP A 203 -5.42 -5.40 -11.87
C TRP A 203 -5.27 -4.01 -12.48
N PRO A 209 -10.25 -6.89 -10.01
CA PRO A 209 -9.86 -8.07 -10.79
C PRO A 209 -11.00 -9.08 -10.96
N GLU A 210 -10.93 -9.91 -11.99
CA GLU A 210 -12.03 -10.85 -12.32
C GLU A 210 -12.29 -11.81 -11.16
N SER A 211 -11.21 -12.30 -10.57
CA SER A 211 -11.23 -13.28 -9.51
C SER A 211 -10.16 -12.94 -8.45
N ALA A 212 -10.33 -13.49 -7.25
CA ALA A 212 -9.46 -13.22 -6.11
C ALA A 212 -8.32 -14.24 -5.95
N GLY A 213 -8.28 -15.24 -6.83
CA GLY A 213 -7.23 -16.26 -6.81
C GLY A 213 -5.83 -15.68 -6.86
N PRO A 214 -5.47 -15.01 -7.97
CA PRO A 214 -4.14 -14.36 -8.13
C PRO A 214 -3.75 -13.40 -6.99
N LEU A 215 -4.74 -12.76 -6.39
CA LEU A 215 -4.47 -11.81 -5.30
C LEU A 215 -3.98 -12.50 -4.03
N LEU A 216 -4.53 -13.67 -3.71
CA LEU A 216 -4.15 -14.42 -2.51
C LEU A 216 -2.80 -15.09 -2.71
N ARG A 217 -2.52 -15.44 -3.96
CA ARG A 217 -1.22 -15.91 -4.37
C ARG A 217 -0.18 -14.82 -4.23
N LEU A 218 -0.54 -13.58 -4.57
CA LEU A 218 0.34 -12.42 -4.39
C LEU A 218 0.64 -12.19 -2.91
N VAL A 219 -0.40 -12.28 -2.09
CA VAL A 219 -0.24 -12.16 -0.63
C VAL A 219 0.67 -13.26 -0.04
N ALA A 220 0.53 -14.49 -0.55
CA ALA A 220 1.37 -15.59 -0.12
C ALA A 220 2.81 -15.36 -0.55
N GLU A 221 3.01 -14.73 -1.70
CA GLU A 221 4.33 -14.38 -2.16
C GLU A 221 4.96 -13.33 -1.21
N VAL A 222 4.15 -12.37 -0.79
CA VAL A 222 4.59 -11.34 0.16
C VAL A 222 4.93 -11.98 1.50
N GLU A 223 4.07 -12.88 1.98
CA GLU A 223 4.28 -13.61 3.24
C GLU A 223 5.58 -14.42 3.25
N GLU A 224 5.87 -15.09 2.14
CA GLU A 224 7.09 -15.90 2.00
C GLU A 224 8.37 -15.10 1.74
N SER A 225 8.23 -13.79 1.53
CA SER A 225 9.41 -12.93 1.28
C SER A 225 10.22 -12.65 2.55
N PRO A 226 11.51 -13.04 2.56
CA PRO A 226 12.37 -12.75 3.72
C PRO A 226 12.72 -11.27 3.88
N GLU A 227 13.01 -10.85 5.11
CA GLU A 227 13.59 -9.52 5.33
C GLU A 227 15.08 -9.56 4.95
N THR A 228 15.49 -8.57 4.16
CA THR A 228 16.89 -8.50 3.68
C THR A 228 17.64 -7.24 4.12
N ALA A 229 16.98 -6.45 4.98
CA ALA A 229 17.53 -5.18 5.50
C ALA A 229 18.04 -5.40 6.92
N ALA A 230 18.83 -4.43 7.41
CA ALA A 230 19.42 -4.48 8.75
C ALA A 230 18.35 -4.39 9.85
N HIS A 231 17.36 -3.53 9.62
CA HIS A 231 16.22 -3.34 10.51
C HIS A 231 14.96 -3.54 9.66
N PRO A 232 13.93 -4.20 10.22
CA PRO A 232 12.70 -4.44 9.44
C PRO A 232 12.07 -3.12 8.94
N GLY A 233 11.95 -2.99 7.62
CA GLY A 233 11.40 -1.80 7.02
C GLY A 233 10.01 -2.05 6.48
N PRO A 234 9.30 -0.98 6.09
CA PRO A 234 7.93 -1.13 5.57
C PRO A 234 7.92 -1.63 4.12
N ILE A 235 6.78 -2.19 3.73
CA ILE A 235 6.61 -2.71 2.38
C ILE A 235 5.99 -1.65 1.50
N VAL A 236 6.71 -1.22 0.47
CA VAL A 236 6.19 -0.20 -0.44
C VAL A 236 5.18 -0.81 -1.41
N VAL A 237 3.95 -0.31 -1.38
CA VAL A 237 2.90 -0.75 -2.30
C VAL A 237 2.47 0.47 -3.11
N HIS A 238 2.38 0.32 -4.45
CA HIS A 238 1.92 1.42 -5.31
C HIS A 238 1.14 0.92 -6.54
N CYS A 239 0.33 1.82 -7.11
CA CYS A 239 -0.36 1.55 -8.36
C CYS A 239 -0.15 2.70 -9.37
N SER A 240 -0.86 3.81 -9.13
CA SER A 240 -0.80 4.99 -9.99
C SER A 240 -1.08 6.21 -9.13
N ALA A 241 -2.20 6.18 -8.39
CA ALA A 241 -2.55 7.19 -7.39
C ALA A 241 -2.18 6.72 -5.98
N GLY A 242 -2.18 5.41 -5.74
CA GLY A 242 -1.75 4.86 -4.45
C GLY A 242 -2.86 4.81 -3.41
N ILE A 243 -4.11 4.79 -3.87
CA ILE A 243 -5.24 4.75 -2.92
C ILE A 243 -6.25 3.65 -3.21
N GLY A 244 -6.49 3.36 -4.48
CA GLY A 244 -7.48 2.38 -4.89
C GLY A 244 -6.99 0.94 -4.81
N ARG A 245 -6.19 0.52 -5.79
CA ARG A 245 -5.66 -0.84 -5.80
C ARG A 245 -4.69 -1.07 -4.65
N THR A 246 -3.97 -0.02 -4.27
CA THR A 246 -3.06 -0.04 -3.12
C THR A 246 -3.83 -0.30 -1.83
N GLY A 247 -4.98 0.36 -1.69
CA GLY A 247 -5.80 0.22 -0.51
C GLY A 247 -6.43 -1.15 -0.35
N CYS A 248 -6.78 -1.79 -1.48
CA CYS A 248 -7.38 -3.11 -1.45
C CYS A 248 -6.37 -4.16 -1.05
N PHE A 249 -5.16 -4.04 -1.59
CA PHE A 249 -4.11 -5.03 -1.34
C PHE A 249 -3.75 -5.07 0.15
N ILE A 250 -3.55 -3.89 0.72
CA ILE A 250 -3.17 -3.76 2.14
C ILE A 250 -4.30 -4.25 3.07
N ALA A 251 -5.55 -3.97 2.68
CA ALA A 251 -6.70 -4.36 3.48
C ALA A 251 -6.90 -5.86 3.43
N THR A 252 -6.61 -6.45 2.26
CA THR A 252 -6.61 -7.89 2.08
C THR A 252 -5.56 -8.55 3.00
N ARG A 253 -4.36 -7.98 3.03
CA ARG A 253 -3.25 -8.53 3.80
C ARG A 253 -3.55 -8.53 5.30
N ILE A 254 -3.97 -7.38 5.82
CA ILE A 254 -4.39 -7.25 7.22
C ILE A 254 -5.58 -8.16 7.52
N GLY A 255 -6.52 -8.22 6.58
CA GLY A 255 -7.74 -9.04 6.73
C GLY A 255 -7.44 -10.53 6.82
N CYS A 256 -6.50 -10.97 5.99
CA CYS A 256 -6.00 -12.33 6.08
C CYS A 256 -5.32 -12.60 7.44
N GLN A 257 -4.59 -11.62 7.94
CA GLN A 257 -3.89 -11.76 9.23
C GLN A 257 -4.84 -11.84 10.42
N GLN A 258 -5.95 -11.11 10.34
CA GLN A 258 -7.02 -11.20 11.32
C GLN A 258 -7.71 -12.58 11.33
N LEU A 259 -8.00 -13.13 10.15
CA LEU A 259 -8.66 -14.44 10.03
C LEU A 259 -7.77 -15.57 10.49
N LYS A 260 -6.47 -15.47 10.19
CA LYS A 260 -5.56 -16.52 10.61
C LYS A 260 -5.34 -16.52 12.13
N ALA A 261 -5.15 -15.34 12.70
CA ALA A 261 -4.81 -15.17 14.10
C ALA A 261 -6.03 -15.25 15.02
N ARG A 262 -7.13 -14.59 14.66
CA ARG A 262 -8.31 -14.48 15.54
C ARG A 262 -9.48 -15.37 15.13
N GLY A 263 -9.74 -15.51 13.84
CA GLY A 263 -10.88 -16.29 13.36
C GLY A 263 -12.03 -15.36 13.04
N GLU A 264 -11.77 -14.07 13.16
CA GLU A 264 -12.72 -13.05 12.80
C GLU A 264 -12.02 -11.93 12.08
N VAL A 265 -12.77 -11.16 11.29
CA VAL A 265 -12.21 -10.01 10.59
C VAL A 265 -13.15 -8.81 10.72
N ASP A 266 -12.56 -7.64 10.99
CA ASP A 266 -13.33 -6.40 11.10
C ASP A 266 -12.91 -5.55 9.93
N ILE A 267 -13.57 -5.81 8.79
CA ILE A 267 -13.26 -5.18 7.51
C ILE A 267 -13.53 -3.65 7.51
N LEU A 268 -14.67 -3.25 8.08
CA LEU A 268 -15.01 -1.85 8.28
C LEU A 268 -13.94 -1.14 9.15
N GLY A 269 -13.49 -1.79 10.21
CA GLY A 269 -12.41 -1.25 11.04
C GLY A 269 -11.07 -1.14 10.32
N ILE A 270 -10.81 -2.04 9.36
CA ILE A 270 -9.57 -2.01 8.59
C ILE A 270 -9.57 -0.81 7.65
N VAL A 271 -10.63 -0.69 6.86
CA VAL A 271 -10.80 0.43 5.93
C VAL A 271 -10.73 1.81 6.63
N CYS A 272 -11.39 1.92 7.77
CA CYS A 272 -11.35 3.16 8.55
C CYS A 272 -9.95 3.51 9.03
N GLN A 273 -9.18 2.50 9.43
CA GLN A 273 -7.82 2.71 9.92
C GLN A 273 -6.89 3.11 8.77
N LEU A 274 -7.19 2.61 7.57
CA LEU A 274 -6.47 3.01 6.35
C LEU A 274 -6.70 4.48 5.96
N ARG A 275 -7.95 4.94 6.04
CA ARG A 275 -8.32 6.31 5.71
C ARG A 275 -7.62 7.34 6.60
N LEU A 276 -7.30 6.95 7.84
CA LEU A 276 -6.57 7.82 8.79
C LEU A 276 -5.10 8.01 8.40
N ASP A 277 -4.47 6.98 7.84
CA ASP A 277 -3.08 7.10 7.39
C ASP A 277 -2.96 7.80 6.02
N ARG A 278 -3.85 7.46 5.10
CA ARG A 278 -3.86 8.06 3.76
C ARG A 278 -5.30 8.24 3.30
N GLY A 279 -5.63 9.46 2.84
CA GLY A 279 -7.00 9.79 2.46
C GLY A 279 -7.43 9.05 1.21
N GLY A 280 -8.61 8.45 1.26
CA GLY A 280 -9.25 7.88 0.08
C GLY A 280 -8.94 6.43 -0.24
N MET A 281 -8.53 5.64 0.76
CA MET A 281 -8.13 4.26 0.53
C MET A 281 -9.35 3.43 0.21
N ILE A 282 -9.28 2.70 -0.91
CA ILE A 282 -10.42 1.99 -1.50
C ILE A 282 -11.43 3.01 -2.04
N GLN A 283 -11.49 3.11 -3.36
CA GLN A 283 -12.27 4.17 -4.02
C GLN A 283 -13.75 3.81 -4.18
N THR A 284 -14.04 2.60 -4.66
CA THR A 284 -15.39 2.21 -5.06
C THR A 284 -15.99 1.14 -4.15
N ALA A 285 -17.32 1.09 -4.11
CA ALA A 285 -18.07 0.07 -3.37
C ALA A 285 -17.90 -1.34 -3.98
N GLU A 286 -17.60 -1.41 -5.28
CA GLU A 286 -17.29 -2.68 -5.94
C GLU A 286 -16.03 -3.31 -5.34
N GLN A 287 -15.02 -2.46 -5.09
CA GLN A 287 -13.77 -2.84 -4.43
C GLN A 287 -14.00 -3.29 -2.99
N TYR A 288 -14.99 -2.69 -2.33
CA TYR A 288 -15.34 -3.04 -0.95
C TYR A 288 -15.99 -4.43 -0.89
N GLN A 289 -16.87 -4.72 -1.83
CA GLN A 289 -17.58 -5.99 -1.87
C GLN A 289 -16.65 -7.11 -2.35
N PHE A 290 -15.73 -6.79 -3.26
CA PHE A 290 -14.70 -7.73 -3.69
C PHE A 290 -13.75 -8.09 -2.54
N LEU A 291 -13.53 -7.13 -1.64
CA LEU A 291 -12.69 -7.34 -0.45
C LEU A 291 -13.27 -8.41 0.48
N HIS A 292 -14.58 -8.38 0.65
CA HIS A 292 -15.33 -9.44 1.35
C HIS A 292 -15.23 -10.78 0.64
N HIS A 293 -15.26 -10.76 -0.68
CA HIS A 293 -15.16 -11.98 -1.45
C HIS A 293 -13.79 -12.66 -1.31
N THR A 294 -12.74 -11.84 -1.32
CA THR A 294 -11.35 -12.31 -1.27
C THR A 294 -11.04 -12.96 0.06
N LEU A 295 -11.52 -12.32 1.13
CA LEU A 295 -11.30 -12.81 2.49
C LEU A 295 -12.14 -14.05 2.78
N ALA A 296 -13.28 -14.17 2.08
CA ALA A 296 -14.11 -15.38 2.11
C ALA A 296 -13.42 -16.56 1.43
N LEU A 297 -12.73 -16.28 0.32
CA LEU A 297 -11.94 -17.30 -0.37
C LEU A 297 -10.77 -17.75 0.51
N TYR A 298 -10.13 -16.78 1.18
CA TYR A 298 -8.98 -17.06 2.03
C TYR A 298 -9.37 -17.92 3.22
N ALA A 299 -10.58 -17.68 3.73
CA ALA A 299 -11.09 -18.37 4.91
C ALA A 299 -11.25 -19.85 4.63
N GLY A 300 -11.63 -20.16 3.39
CA GLY A 300 -11.81 -21.53 2.94
C GLY A 300 -10.49 -22.22 2.66
N GLN A 301 -9.43 -21.43 2.53
CA GLN A 301 -8.13 -21.96 2.17
C GLN A 301 -7.25 -22.22 3.38
N LEU A 302 -7.67 -21.73 4.55
CA LEU A 302 -6.92 -21.91 5.80
C LEU A 302 -6.71 -23.39 6.14
N PRO A 303 -5.62 -23.71 6.86
CA PRO A 303 -5.33 -25.08 7.26
C PRO A 303 -6.48 -25.69 8.05
N GLU A 304 -6.70 -26.98 7.86
CA GLU A 304 -7.79 -27.71 8.50
C GLU A 304 -7.67 -28.04 10.01
N GLU A 305 -6.50 -28.42 10.55
CA GLU A 305 -5.20 -27.95 10.09
C GLU A 305 -4.28 -29.05 9.52
S SO4 B . -5.72 3.68 -8.14
O1 SO4 B . -5.74 4.40 -6.86
O2 SO4 B . -6.35 4.52 -9.18
O3 SO4 B . -4.33 3.42 -8.52
O4 SO4 B . -6.40 2.38 -8.04
O1 TAR C . -11.45 -15.75 -6.69
O11 TAR C . -13.52 -15.43 -7.15
C1 TAR C . -12.53 -16.16 -7.12
C2 TAR C . -12.69 -17.55 -7.63
O2 TAR C . -13.69 -17.38 -8.63
C3 TAR C . -11.41 -18.19 -8.19
O3 TAR C . -11.73 -19.00 -9.35
C4 TAR C . -10.85 -19.10 -7.15
O4 TAR C . -9.83 -19.78 -7.38
O41 TAR C . -11.46 -19.17 -6.08
C1 GOL D . -10.47 -25.13 6.10
O1 GOL D . -11.02 -24.01 5.46
C2 GOL D . -11.50 -26.23 5.93
O2 GOL D . -11.86 -26.76 7.17
C3 GOL D . -10.88 -27.32 5.09
O3 GOL D . -11.56 -27.28 3.85
C1 GOL E . 17.22 5.83 -17.79
O1 GOL E . 16.73 6.33 -16.57
C2 GOL E . 16.07 5.78 -18.78
O2 GOL E . 15.25 4.66 -18.54
C3 GOL E . 16.60 5.72 -20.21
O3 GOL E . 15.53 6.12 -21.04
#